data_8HCE
#
_entry.id   8HCE
#
_cell.length_a   64.041
_cell.length_b   85.655
_cell.length_c   100.034
_cell.angle_alpha   90.000
_cell.angle_beta   90.000
_cell.angle_gamma   90.000
#
_symmetry.space_group_name_H-M   'P 21 21 21'
#
loop_
_entity.id
_entity.type
_entity.pdbx_description
1 polymer 'Three-prime repair exonuclease 1'
2 non-polymer '4-(2-HYDROXYETHYL)-1-PIPERAZINE ETHANESULFONIC ACID'
3 non-polymer 'SULFATE ION'
4 non-polymer 'AMMONIUM ION'
5 non-polymer "CYTIDINE-5'-MONOPHOSPHATE"
6 water water
#
_entity_poly.entity_id   1
_entity_poly.type   'polypeptide(L)'
_entity_poly.pdbx_seq_one_letter_code
;MGSQTLPHGHMQTLIFLDLEATGLPSSRPEVTELCLLAVHRRALENTSISQGHPPPVPRPPRVVDKLSLCIAPGKACSPG
ASEITGLSKAELEVQGRQRFDDNLAILLRAFLQRQPQPCCLVAHNGDRYDFPLLQTELARLSTPSPLDGTFCVDSIAALK
ALEQASSPSGNGSRKSYSLGSIYTRLYWQAPTDSHTAEGDVLTLLSICQWKPQALLQWVDEHARPFSTVKPMYGTPATTG
TTLEHHHHHH
;
_entity_poly.pdbx_strand_id   A,B
#
# COMPACT_ATOMS: atom_id res chain seq x y z
N THR A 5 -7.07 -7.74 -33.65
CA THR A 5 -5.64 -7.98 -33.72
C THR A 5 -4.86 -7.00 -32.84
N LEU A 6 -4.61 -7.41 -31.64
CA LEU A 6 -3.95 -6.59 -30.66
C LEU A 6 -2.44 -6.79 -30.75
N PRO A 7 -1.64 -5.78 -30.39
CA PRO A 7 -0.18 -5.95 -30.52
C PRO A 7 0.42 -6.96 -29.55
N HIS A 8 -0.12 -7.05 -28.35
CA HIS A 8 0.50 -7.89 -27.31
C HIS A 8 -0.55 -8.66 -26.52
N GLY A 9 -1.70 -8.91 -27.11
CA GLY A 9 -2.75 -9.67 -26.47
C GLY A 9 -3.52 -8.84 -25.47
N HIS A 10 -4.44 -9.51 -24.79
CA HIS A 10 -5.25 -8.83 -23.78
C HIS A 10 -4.45 -8.68 -22.50
N MET A 11 -4.40 -7.46 -21.98
CA MET A 11 -3.70 -7.25 -20.72
C MET A 11 -4.49 -7.86 -19.57
N GLN A 12 -3.82 -8.64 -18.73
CA GLN A 12 -4.54 -9.29 -17.66
C GLN A 12 -4.49 -8.50 -16.36
N THR A 13 -3.45 -7.68 -16.17
CA THR A 13 -3.28 -6.78 -15.04
C THR A 13 -3.02 -5.37 -15.53
N LEU A 14 -3.70 -4.39 -14.95
CA LEU A 14 -3.33 -2.98 -15.07
C LEU A 14 -2.71 -2.53 -13.76
N ILE A 15 -1.52 -1.95 -13.84
CA ILE A 15 -0.87 -1.39 -12.67
C ILE A 15 -0.85 0.11 -12.82
N PHE A 16 -1.70 0.77 -12.05
CA PHE A 16 -1.76 2.22 -12.00
C PHE A 16 -0.57 2.69 -11.20
N LEU A 17 0.18 3.61 -11.77
CA LEU A 17 1.49 3.99 -11.28
C LEU A 17 1.58 5.52 -11.21
N ASP A 18 2.19 6.00 -10.13
CA ASP A 18 2.62 7.38 -10.07
C ASP A 18 3.98 7.46 -9.36
N LEU A 19 4.85 8.33 -9.87
CA LEU A 19 6.16 8.63 -9.31
C LEU A 19 6.17 10.12 -8.94
N GLU A 20 6.73 10.45 -7.78
CA GLU A 20 7.11 11.82 -7.43
C GLU A 20 8.62 11.91 -7.44
N ALA A 21 9.16 13.10 -7.71
CA ALA A 21 10.60 13.24 -7.84
C ALA A 21 11.09 14.63 -7.46
N THR A 22 12.41 14.81 -7.60
CA THR A 22 13.06 16.00 -7.11
C THR A 22 12.90 17.22 -8.01
N GLY A 23 12.43 17.08 -9.24
CA GLY A 23 12.38 18.20 -10.15
C GLY A 23 11.93 17.76 -11.53
N LEU A 24 12.05 18.68 -12.48
CA LEU A 24 11.63 18.48 -13.87
C LEU A 24 12.75 17.84 -14.65
N PRO A 25 12.48 17.34 -15.86
CA PRO A 25 13.45 16.45 -16.51
C PRO A 25 14.84 17.01 -16.72
N SER A 26 14.99 18.27 -17.14
CA SER A 26 16.33 18.79 -17.41
C SER A 26 17.19 18.85 -16.14
N SER A 27 16.57 18.78 -14.95
CA SER A 27 17.31 18.79 -13.70
C SER A 27 17.90 17.43 -13.36
N ARG A 28 17.66 16.40 -14.19
CA ARG A 28 18.11 15.03 -13.95
C ARG A 28 17.57 14.52 -12.61
N PRO A 29 16.26 14.42 -12.50
CA PRO A 29 15.66 14.25 -11.18
C PRO A 29 15.78 12.83 -10.68
N GLU A 30 15.56 12.69 -9.38
CA GLU A 30 15.52 11.38 -8.73
C GLU A 30 14.17 11.16 -8.05
N VAL A 31 13.71 9.91 -8.06
CA VAL A 31 12.44 9.53 -7.50
C VAL A 31 12.47 9.68 -5.97
N THR A 32 11.41 10.29 -5.43
CA THR A 32 11.22 10.41 -3.98
C THR A 32 10.02 9.62 -3.48
N GLU A 33 9.09 9.20 -4.35
CA GLU A 33 7.96 8.38 -3.95
C GLU A 33 7.45 7.61 -5.15
N LEU A 34 6.88 6.43 -4.89
CA LEU A 34 6.39 5.55 -5.93
C LEU A 34 5.18 4.82 -5.38
N CYS A 35 4.11 4.76 -6.16
CA CYS A 35 2.94 3.99 -5.82
C CYS A 35 2.54 3.13 -7.01
N LEU A 36 2.33 1.84 -6.76
CA LEU A 36 1.74 0.90 -7.70
C LEU A 36 0.44 0.39 -7.13
N LEU A 37 -0.61 0.34 -7.96
CA LEU A 37 -1.90 -0.24 -7.60
C LEU A 37 -2.27 -1.20 -8.73
N ALA A 38 -2.20 -2.51 -8.44
CA ALA A 38 -2.42 -3.54 -9.44
C ALA A 38 -3.85 -4.04 -9.34
N VAL A 39 -4.53 -4.03 -10.49
CA VAL A 39 -5.92 -4.43 -10.63
C VAL A 39 -6.01 -5.47 -11.73
N HIS A 40 -6.69 -6.58 -11.46
CA HIS A 40 -6.95 -7.56 -12.49
C HIS A 40 -8.00 -7.04 -13.47
N ARG A 41 -7.82 -7.43 -14.74
CA ARG A 41 -8.78 -7.08 -15.78
C ARG A 41 -10.22 -7.33 -15.35
N ARG A 42 -10.49 -8.45 -14.67
CA ARG A 42 -11.87 -8.79 -14.32
C ARG A 42 -12.41 -7.87 -13.22
N ALA A 43 -11.55 -7.36 -12.36
CA ALA A 43 -12.01 -6.45 -11.32
C ALA A 43 -12.50 -5.13 -11.91
N LEU A 44 -11.88 -4.71 -13.01
CA LEU A 44 -12.31 -3.50 -13.70
C LEU A 44 -13.62 -3.75 -14.45
N GLU A 45 -13.72 -4.87 -15.15
CA GLU A 45 -14.94 -5.23 -15.84
C GLU A 45 -16.12 -5.32 -14.89
N ASN A 46 -15.88 -5.71 -13.64
CA ASN A 46 -16.95 -5.82 -12.64
C ASN A 46 -17.33 -4.47 -12.03
N THR A 47 -16.61 -3.40 -12.35
CA THR A 47 -17.08 -2.06 -12.03
C THR A 47 -18.48 -1.87 -12.59
N SER A 48 -19.42 -1.44 -11.75
CA SER A 48 -20.79 -1.26 -12.19
C SER A 48 -20.92 -0.02 -13.06
N ILE A 49 -21.64 -0.16 -14.17
CA ILE A 49 -21.77 0.89 -15.18
C ILE A 49 -22.89 1.83 -14.78
N SER A 50 -22.62 3.13 -14.92
CA SER A 50 -23.59 4.16 -14.57
C SER A 50 -23.99 4.92 -15.83
N GLN A 51 -25.28 5.14 -16.00
CA GLN A 51 -25.82 5.92 -17.11
C GLN A 51 -26.40 7.24 -16.65
N GLY A 52 -26.31 7.55 -15.34
CA GLY A 52 -26.84 8.79 -14.83
C GLY A 52 -25.89 9.96 -15.02
N HIS A 53 -26.43 11.15 -14.79
CA HIS A 53 -25.69 12.40 -14.96
C HIS A 53 -25.84 13.24 -13.70
N PRO A 54 -24.79 13.36 -12.88
CA PRO A 54 -23.44 12.79 -13.07
C PRO A 54 -23.35 11.32 -12.68
N PRO A 55 -22.42 10.58 -13.27
CA PRO A 55 -22.13 9.25 -12.76
C PRO A 55 -21.51 9.36 -11.38
N PRO A 56 -21.89 8.50 -10.42
CA PRO A 56 -21.20 8.51 -9.13
C PRO A 56 -19.74 8.12 -9.34
N VAL A 57 -18.89 8.58 -8.45
CA VAL A 57 -17.49 8.16 -8.57
C VAL A 57 -17.40 6.68 -8.26
N PRO A 58 -16.81 5.87 -9.15
CA PRO A 58 -16.69 4.45 -8.84
C PRO A 58 -15.87 4.22 -7.57
N ARG A 59 -16.23 3.16 -6.83
CA ARG A 59 -15.27 2.80 -5.79
C ARG A 59 -14.28 1.77 -6.33
N PRO A 60 -13.10 1.74 -5.74
CA PRO A 60 -12.08 0.81 -6.18
C PRO A 60 -12.58 -0.61 -6.07
N PRO A 61 -12.09 -1.51 -6.90
CA PRO A 61 -12.41 -2.92 -6.74
C PRO A 61 -11.98 -3.42 -5.37
N ARG A 62 -12.71 -4.43 -4.90
CA ARG A 62 -12.37 -5.01 -3.59
C ARG A 62 -10.98 -5.63 -3.60
N VAL A 63 -10.63 -6.34 -4.67
CA VAL A 63 -9.38 -7.07 -4.81
C VAL A 63 -8.40 -6.16 -5.51
N VAL A 64 -7.40 -5.68 -4.77
CA VAL A 64 -6.30 -4.88 -5.33
C VAL A 64 -5.03 -5.22 -4.57
N ASP A 65 -3.90 -5.06 -5.26
CA ASP A 65 -2.59 -5.09 -4.62
C ASP A 65 -2.01 -3.69 -4.68
N LYS A 66 -1.45 -3.22 -3.59
CA LYS A 66 -0.94 -1.86 -3.48
C LYS A 66 0.43 -1.83 -2.87
N LEU A 67 1.28 -0.99 -3.44
CA LEU A 67 2.61 -0.73 -2.91
C LEU A 67 2.87 0.76 -2.97
N SER A 68 3.17 1.39 -1.83
CA SER A 68 3.54 2.80 -1.83
C SER A 68 4.80 2.97 -0.99
N LEU A 69 5.82 3.59 -1.57
CA LEU A 69 7.11 3.72 -0.92
C LEU A 69 7.68 5.13 -1.05
N CYS A 70 8.28 5.63 0.02
CA CYS A 70 9.07 6.85 -0.03
C CYS A 70 10.54 6.48 -0.15
N ILE A 71 11.27 7.28 -0.92
CA ILE A 71 12.63 6.97 -1.35
C ILE A 71 13.50 8.20 -1.12
N ALA A 72 14.63 8.01 -0.44
CA ALA A 72 15.58 9.12 -0.27
C ALA A 72 16.31 9.39 -1.57
N PRO A 73 16.26 10.60 -2.10
CA PRO A 73 17.05 10.96 -3.28
C PRO A 73 18.48 11.29 -2.89
N GLY A 74 19.35 11.21 -3.90
CA GLY A 74 20.72 11.64 -3.72
C GLY A 74 20.93 13.14 -3.84
N LYS A 75 19.98 13.85 -4.42
CA LYS A 75 20.06 15.30 -4.61
C LYS A 75 18.83 15.94 -3.99
N ALA A 76 18.93 17.23 -3.72
CA ALA A 76 17.84 17.96 -3.10
C ALA A 76 16.65 18.12 -4.05
N CYS A 77 15.45 18.21 -3.46
CA CYS A 77 14.27 18.59 -4.23
C CYS A 77 14.32 20.08 -4.55
N SER A 78 13.85 20.44 -5.73
CA SER A 78 13.65 21.85 -6.05
C SER A 78 12.63 22.45 -5.08
N PRO A 79 12.67 23.76 -4.87
CA PRO A 79 11.61 24.39 -4.06
C PRO A 79 10.24 24.09 -4.59
N GLY A 80 10.06 24.14 -5.91
CA GLY A 80 8.78 23.81 -6.50
C GLY A 80 8.41 22.36 -6.25
N ALA A 81 9.39 21.47 -6.31
CA ALA A 81 9.10 20.06 -6.09
C ALA A 81 8.68 19.80 -4.65
N SER A 82 9.36 20.43 -3.69
CA SER A 82 8.99 20.20 -2.30
C SER A 82 7.62 20.78 -2.00
N GLU A 83 7.30 21.92 -2.60
CA GLU A 83 5.99 22.51 -2.36
C GLU A 83 4.89 21.63 -2.91
N ILE A 84 5.07 21.11 -4.11
CA ILE A 84 4.02 20.32 -4.76
C ILE A 84 3.90 18.95 -4.10
N THR A 85 5.03 18.30 -3.79
CA THR A 85 4.97 16.93 -3.32
C THR A 85 4.89 16.83 -1.80
N GLY A 86 5.27 17.86 -1.07
CA GLY A 86 5.33 17.74 0.37
C GLY A 86 6.47 16.89 0.88
N LEU A 87 7.45 16.55 0.03
CA LEU A 87 8.61 15.79 0.42
C LEU A 87 9.88 16.63 0.32
N SER A 88 10.87 16.29 1.14
CA SER A 88 12.17 16.94 1.13
C SER A 88 13.24 15.87 1.34
N LYS A 89 14.40 16.06 0.71
CA LYS A 89 15.52 15.15 0.96
C LYS A 89 15.85 15.09 2.44
N ALA A 90 15.87 16.24 3.11
CA ALA A 90 16.22 16.26 4.53
C ALA A 90 15.25 15.45 5.36
N GLU A 91 13.95 15.58 5.10
CA GLU A 91 12.97 14.86 5.91
C GLU A 91 12.98 13.38 5.60
N LEU A 92 13.15 13.03 4.33
CA LEU A 92 13.26 11.61 3.99
C LEU A 92 14.46 10.97 4.66
N GLU A 93 15.56 11.72 4.79
CA GLU A 93 16.76 11.20 5.43
C GLU A 93 16.59 11.07 6.93
N VAL A 94 15.92 12.03 7.58
CA VAL A 94 15.79 11.91 9.03
C VAL A 94 14.83 10.78 9.39
N GLN A 95 13.93 10.40 8.47
CA GLN A 95 13.10 9.22 8.69
C GLN A 95 13.72 7.96 8.10
N GLY A 96 15.02 7.99 7.84
CA GLY A 96 15.73 6.78 7.50
C GLY A 96 15.35 6.15 6.18
N ARG A 97 14.78 6.90 5.25
CA ARG A 97 14.44 6.26 3.98
C ARG A 97 15.69 5.86 3.22
N GLN A 98 15.60 4.74 2.52
CA GLN A 98 16.70 4.23 1.72
C GLN A 98 16.60 4.74 0.30
N ARG A 99 17.72 4.67 -0.40
CA ARG A 99 17.80 5.06 -1.79
C ARG A 99 17.10 4.04 -2.68
N PHE A 100 16.97 4.39 -3.97
CA PHE A 100 16.51 3.49 -5.03
C PHE A 100 17.64 2.51 -5.30
N ASP A 101 17.53 1.32 -4.72
CA ASP A 101 18.67 0.40 -4.60
C ASP A 101 18.25 -1.02 -4.97
N ASP A 102 19.21 -1.97 -4.86
CA ASP A 102 18.96 -3.33 -5.30
C ASP A 102 17.84 -3.98 -4.49
N ASN A 103 17.77 -3.70 -3.19
CA ASN A 103 16.69 -4.28 -2.40
C ASN A 103 15.35 -3.78 -2.88
N LEU A 104 15.25 -2.52 -3.28
CA LEU A 104 13.98 -2.05 -3.85
C LEU A 104 13.63 -2.82 -5.11
N ALA A 105 14.63 -3.15 -5.95
CA ALA A 105 14.35 -3.94 -7.14
C ALA A 105 13.84 -5.35 -6.76
N ILE A 106 14.40 -5.97 -5.70
CA ILE A 106 13.88 -7.25 -5.21
C ILE A 106 12.40 -7.14 -4.89
N LEU A 107 12.04 -6.08 -4.15
CA LEU A 107 10.67 -5.83 -3.76
C LEU A 107 9.78 -5.66 -4.97
N LEU A 108 10.19 -4.83 -5.93
CA LEU A 108 9.39 -4.59 -7.12
C LEU A 108 9.21 -5.85 -7.93
N ARG A 109 10.30 -6.61 -8.11
CA ARG A 109 10.23 -7.87 -8.85
C ARG A 109 9.23 -8.82 -8.18
N ALA A 110 9.29 -8.94 -6.85
CA ALA A 110 8.41 -9.88 -6.18
C ALA A 110 6.94 -9.44 -6.23
N PHE A 111 6.67 -8.14 -6.11
CA PHE A 111 5.33 -7.60 -6.28
C PHE A 111 4.80 -7.84 -7.70
N LEU A 112 5.65 -7.61 -8.71
CA LEU A 112 5.21 -7.83 -10.09
C LEU A 112 4.92 -9.30 -10.33
N GLN A 113 5.71 -10.19 -9.70
CA GLN A 113 5.55 -11.60 -9.94
C GLN A 113 4.21 -12.12 -9.43
N ARG A 114 3.59 -11.46 -8.45
CA ARG A 114 2.26 -11.84 -7.98
C ARG A 114 1.15 -11.45 -8.93
N GLN A 115 1.43 -10.76 -10.04
CA GLN A 115 0.37 -10.31 -10.93
C GLN A 115 0.28 -11.17 -12.18
N PRO A 116 -0.93 -11.58 -12.59
CA PRO A 116 -1.05 -12.31 -13.87
C PRO A 116 -0.58 -11.46 -15.04
N GLN A 117 0.07 -12.11 -16.00
CA GLN A 117 0.59 -11.49 -17.20
C GLN A 117 -0.30 -11.76 -18.39
N PRO A 118 -0.25 -10.93 -19.45
CA PRO A 118 0.55 -9.71 -19.61
C PRO A 118 0.08 -8.62 -18.66
N CYS A 119 1.02 -7.80 -18.22
CA CYS A 119 0.74 -6.71 -17.30
C CYS A 119 1.09 -5.39 -17.94
N CYS A 120 0.27 -4.36 -17.72
CA CYS A 120 0.48 -3.05 -18.29
C CYS A 120 0.45 -1.96 -17.22
N LEU A 121 1.53 -1.19 -17.14
CA LEU A 121 1.57 0.00 -16.33
C LEU A 121 0.72 1.09 -16.97
N VAL A 122 0.07 1.89 -16.15
CA VAL A 122 -0.77 2.99 -16.59
C VAL A 122 -0.39 4.19 -15.73
N ALA A 123 0.12 5.24 -16.35
CA ALA A 123 0.54 6.43 -15.63
C ALA A 123 0.16 7.68 -16.39
N HIS A 124 -0.29 8.68 -15.67
CA HIS A 124 -0.68 9.95 -16.25
C HIS A 124 0.57 10.76 -16.55
N ASN A 125 0.77 11.09 -17.84
CA ASN A 125 2.02 11.64 -18.34
C ASN A 125 3.20 10.66 -18.23
N GLY A 126 2.91 9.35 -18.17
CA GLY A 126 3.97 8.38 -18.03
C GLY A 126 4.93 8.38 -19.20
N ASP A 127 4.43 8.62 -20.41
CA ASP A 127 5.32 8.57 -21.57
C ASP A 127 6.39 9.66 -21.53
N ARG A 128 6.12 10.84 -20.94
CA ARG A 128 7.09 11.93 -20.86
C ARG A 128 7.80 12.05 -19.50
N TYR A 129 7.31 11.39 -18.45
CA TYR A 129 7.90 11.62 -17.14
C TYR A 129 8.08 10.30 -16.40
N ASP A 130 7.00 9.65 -15.95
CA ASP A 130 7.16 8.54 -15.01
C ASP A 130 7.94 7.39 -15.64
N PHE A 131 7.60 7.00 -16.86
CA PHE A 131 8.26 5.83 -17.43
C PHE A 131 9.74 6.11 -17.75
N PRO A 132 10.11 7.19 -18.44
CA PRO A 132 11.55 7.43 -18.66
C PRO A 132 12.32 7.55 -17.36
N LEU A 133 11.72 8.16 -16.35
CA LEU A 133 12.45 8.29 -15.10
C LEU A 133 12.62 6.94 -14.40
N LEU A 134 11.58 6.11 -14.35
CA LEU A 134 11.71 4.78 -13.77
C LEU A 134 12.78 4.00 -14.53
N GLN A 135 12.82 4.14 -15.85
CA GLN A 135 13.82 3.43 -16.64
C GLN A 135 15.22 3.84 -16.23
N THR A 136 15.44 5.14 -16.04
CA THR A 136 16.74 5.63 -15.59
C THR A 136 17.11 5.07 -14.23
N GLU A 137 16.18 5.09 -13.27
CA GLU A 137 16.52 4.59 -11.96
C GLU A 137 16.86 3.11 -12.01
N LEU A 138 16.13 2.34 -12.79
CA LEU A 138 16.40 0.91 -12.80
C LEU A 138 17.68 0.60 -13.54
N ALA A 139 18.04 1.44 -14.51
CA ALA A 139 19.24 1.20 -15.32
C ALA A 139 20.52 1.33 -14.49
N ARG A 140 20.48 2.11 -13.41
CA ARG A 140 21.64 2.30 -12.56
C ARG A 140 21.98 1.05 -11.77
N LEU A 141 21.03 0.15 -11.58
CA LEU A 141 21.23 -1.01 -10.74
C LEU A 141 21.92 -2.10 -11.54
N SER A 142 22.63 -2.98 -10.84
CA SER A 142 23.20 -4.14 -11.53
C SER A 142 22.14 -5.19 -11.78
N THR A 143 21.12 -5.26 -10.93
CA THR A 143 19.95 -6.12 -11.17
C THR A 143 19.38 -5.86 -12.56
N PRO A 144 19.10 -6.90 -13.36
CA PRO A 144 18.33 -6.68 -14.58
C PRO A 144 16.97 -6.11 -14.24
N SER A 145 16.46 -5.26 -15.13
CA SER A 145 15.23 -4.54 -14.80
C SER A 145 14.06 -5.51 -14.59
N PRO A 146 13.30 -5.38 -13.50
CA PRO A 146 12.12 -6.25 -13.33
C PRO A 146 10.96 -5.93 -14.27
N LEU A 147 11.07 -4.89 -15.09
CA LEU A 147 9.98 -4.45 -15.95
C LEU A 147 10.19 -4.81 -17.41
N ASP A 148 11.21 -5.59 -17.73
CA ASP A 148 11.54 -5.82 -19.13
C ASP A 148 10.54 -6.71 -19.86
N GLY A 149 9.61 -7.36 -19.17
CA GLY A 149 8.50 -8.07 -19.79
C GLY A 149 7.15 -7.41 -19.56
N THR A 150 7.14 -6.22 -19.02
CA THR A 150 5.91 -5.48 -18.72
C THR A 150 5.64 -4.47 -19.83
N PHE A 151 4.37 -4.14 -20.00
CA PHE A 151 3.91 -3.17 -20.99
C PHE A 151 3.51 -1.87 -20.28
N CYS A 152 3.27 -0.85 -21.08
CA CYS A 152 2.87 0.42 -20.49
C CYS A 152 2.06 1.25 -21.46
N VAL A 153 1.24 2.15 -20.88
CA VAL A 153 0.48 3.16 -21.61
C VAL A 153 0.36 4.44 -20.76
N ASP A 154 0.12 5.55 -21.46
CA ASP A 154 -0.11 6.85 -20.83
C ASP A 154 -1.61 7.12 -20.79
N SER A 155 -2.14 7.43 -19.63
CA SER A 155 -3.56 7.65 -19.51
C SER A 155 -4.01 9.01 -20.04
N ILE A 156 -3.10 9.94 -20.34
CA ILE A 156 -3.53 11.15 -21.04
C ILE A 156 -4.04 10.77 -22.41
N ALA A 157 -3.27 9.97 -23.14
CA ALA A 157 -3.72 9.46 -24.43
C ALA A 157 -5.00 8.66 -24.30
N ALA A 158 -5.10 7.79 -23.30
CA ALA A 158 -6.33 7.02 -23.14
C ALA A 158 -7.55 7.93 -23.01
N LEU A 159 -7.47 8.93 -22.13
CA LEU A 159 -8.67 9.73 -21.90
C LEU A 159 -8.98 10.64 -23.06
N LYS A 160 -7.96 11.07 -23.81
CA LYS A 160 -8.20 11.82 -25.02
C LYS A 160 -8.99 10.98 -26.01
N ALA A 161 -8.72 9.67 -26.06
CA ALA A 161 -9.45 8.82 -26.98
C ALA A 161 -10.85 8.54 -26.48
N LEU A 162 -11.00 8.34 -25.16
CA LEU A 162 -12.29 7.97 -24.60
C LEU A 162 -13.26 9.14 -24.62
N GLU A 163 -12.74 10.35 -24.50
CA GLU A 163 -13.55 11.54 -24.61
C GLU A 163 -13.72 12.00 -26.04
N GLN A 164 -13.11 11.32 -26.99
CA GLN A 164 -13.18 11.66 -28.42
C GLN A 164 -12.17 12.72 -28.78
N ARG A 174 -9.83 24.85 -24.85
CA ARG A 174 -10.42 23.51 -24.86
C ARG A 174 -10.03 22.74 -23.59
N LYS A 175 -10.18 21.42 -23.62
CA LYS A 175 -10.16 20.62 -22.41
C LYS A 175 -8.74 20.46 -21.86
N SER A 176 -8.59 20.66 -20.55
CA SER A 176 -7.36 20.32 -19.87
C SER A 176 -7.30 18.81 -19.62
N TYR A 177 -6.10 18.24 -19.76
CA TYR A 177 -5.89 16.84 -19.41
C TYR A 177 -5.02 16.68 -18.16
N SER A 178 -4.99 17.68 -17.30
CA SER A 178 -4.51 17.49 -15.95
C SER A 178 -5.40 16.48 -15.24
N LEU A 179 -4.80 15.71 -14.34
CA LEU A 179 -5.56 14.67 -13.63
C LEU A 179 -6.80 15.24 -12.97
N GLY A 180 -6.65 16.35 -12.23
CA GLY A 180 -7.78 16.91 -11.51
C GLY A 180 -8.84 17.47 -12.43
N SER A 181 -8.42 18.08 -13.53
CA SER A 181 -9.38 18.61 -14.50
C SER A 181 -10.22 17.49 -15.08
N ILE A 182 -9.59 16.37 -15.44
CA ILE A 182 -10.34 15.24 -15.97
C ILE A 182 -11.35 14.72 -14.95
N TYR A 183 -10.88 14.48 -13.73
CA TYR A 183 -11.77 13.94 -12.70
C TYR A 183 -12.99 14.82 -12.54
N THR A 184 -12.80 16.14 -12.45
CA THR A 184 -13.92 17.04 -12.24
C THR A 184 -14.84 17.10 -13.45
N ARG A 185 -14.28 17.00 -14.66
CA ARG A 185 -15.09 17.02 -15.87
C ARG A 185 -15.97 15.76 -15.95
N LEU A 186 -15.45 14.60 -15.50
CA LEU A 186 -16.22 13.37 -15.58
C LEU A 186 -17.24 13.25 -14.46
N TYR A 187 -16.87 13.63 -13.24
CA TYR A 187 -17.70 13.37 -12.08
C TYR A 187 -18.32 14.62 -11.47
N TRP A 188 -17.93 15.81 -11.93
CA TRP A 188 -18.55 17.06 -11.49
C TRP A 188 -18.49 17.19 -9.96
N GLN A 189 -17.34 16.85 -9.40
CA GLN A 189 -17.01 17.12 -8.00
C GLN A 189 -15.50 17.17 -7.92
N ALA A 190 -15.03 17.86 -6.94
CA ALA A 190 -13.58 18.01 -6.83
C ALA A 190 -12.96 16.71 -6.37
N PRO A 191 -11.74 16.40 -6.81
CA PRO A 191 -11.05 15.24 -6.24
C PRO A 191 -10.76 15.48 -4.77
N THR A 192 -10.72 14.39 -4.01
CA THR A 192 -10.55 14.46 -2.56
C THR A 192 -9.29 13.72 -2.09
N ASP A 193 -8.53 13.12 -3.00
CA ASP A 193 -7.35 12.37 -2.62
C ASP A 193 -6.25 13.28 -2.08
N SER A 194 -5.41 12.72 -1.20
CA SER A 194 -4.22 13.42 -0.76
C SER A 194 -3.35 13.75 -1.98
N HIS A 195 -2.46 14.72 -1.83
CA HIS A 195 -1.49 15.01 -2.89
C HIS A 195 -0.19 14.26 -2.57
N THR A 196 -0.31 12.95 -2.73
CA THR A 196 0.75 11.99 -2.58
C THR A 196 0.75 11.12 -3.83
N ALA A 197 1.75 10.28 -3.98
CA ALA A 197 1.76 9.35 -5.10
C ALA A 197 0.54 8.43 -5.06
N GLU A 198 0.18 7.93 -3.87
CA GLU A 198 -1.00 7.08 -3.77
C GLU A 198 -2.28 7.86 -4.08
N GLY A 199 -2.39 9.08 -3.61
CA GLY A 199 -3.59 9.85 -3.90
C GLY A 199 -3.77 10.08 -5.38
N ASP A 200 -2.67 10.37 -6.09
CA ASP A 200 -2.75 10.56 -7.53
C ASP A 200 -3.13 9.24 -8.22
N VAL A 201 -2.65 8.09 -7.72
CA VAL A 201 -2.99 6.80 -8.28
C VAL A 201 -4.49 6.51 -8.09
N LEU A 202 -5.03 6.84 -6.91
CA LEU A 202 -6.45 6.61 -6.64
C LEU A 202 -7.32 7.48 -7.52
N THR A 203 -6.94 8.75 -7.72
CA THR A 203 -7.67 9.61 -8.63
C THR A 203 -7.62 9.05 -10.06
N LEU A 204 -6.43 8.58 -10.51
CA LEU A 204 -6.33 7.97 -11.84
C LEU A 204 -7.20 6.71 -11.97
N LEU A 205 -7.18 5.83 -10.96
CA LEU A 205 -8.06 4.68 -10.98
C LEU A 205 -9.52 5.11 -11.16
N SER A 206 -9.97 6.14 -10.43
CA SER A 206 -11.35 6.57 -10.56
C SER A 206 -11.65 7.02 -11.98
N ILE A 207 -10.73 7.77 -12.60
CA ILE A 207 -10.93 8.23 -13.96
C ILE A 207 -11.00 7.03 -14.90
N CYS A 208 -10.16 6.03 -14.66
CA CYS A 208 -10.09 4.88 -15.55
C CYS A 208 -11.27 3.95 -15.38
N GLN A 209 -12.00 4.06 -14.27
CA GLN A 209 -13.25 3.33 -14.07
C GLN A 209 -14.49 4.04 -14.62
N TRP A 210 -14.35 5.21 -15.23
CA TRP A 210 -15.50 5.91 -15.80
C TRP A 210 -16.16 5.09 -16.89
N LYS A 211 -15.35 4.57 -17.81
CA LYS A 211 -15.79 3.68 -18.90
C LYS A 211 -14.81 2.52 -18.90
N PRO A 212 -14.98 1.56 -18.01
CA PRO A 212 -13.90 0.59 -17.77
C PRO A 212 -13.67 -0.34 -18.94
N GLN A 213 -14.73 -0.76 -19.63
CA GLN A 213 -14.53 -1.64 -20.78
C GLN A 213 -13.84 -0.90 -21.92
N ALA A 214 -14.22 0.35 -22.17
CA ALA A 214 -13.57 1.14 -23.21
C ALA A 214 -12.12 1.43 -22.86
N LEU A 215 -11.84 1.73 -21.60
CA LEU A 215 -10.47 1.93 -21.19
C LEU A 215 -9.64 0.67 -21.42
N LEU A 216 -10.13 -0.49 -20.97
CA LEU A 216 -9.40 -1.74 -21.22
C LEU A 216 -9.15 -1.97 -22.70
N GLN A 217 -10.15 -1.69 -23.55
CA GLN A 217 -9.96 -1.88 -24.99
C GLN A 217 -8.87 -0.96 -25.51
N TRP A 218 -8.88 0.31 -25.11
CA TRP A 218 -7.85 1.24 -25.54
C TRP A 218 -6.48 0.79 -25.06
N VAL A 219 -6.39 0.28 -23.83
CA VAL A 219 -5.12 -0.16 -23.28
C VAL A 219 -4.59 -1.35 -24.06
N ASP A 220 -5.47 -2.31 -24.34
CA ASP A 220 -5.06 -3.46 -25.13
C ASP A 220 -4.54 -3.04 -26.49
N GLU A 221 -5.17 -2.05 -27.13
CA GLU A 221 -4.75 -1.65 -28.46
C GLU A 221 -3.46 -0.85 -28.47
N HIS A 222 -3.11 -0.18 -27.36
CA HIS A 222 -1.99 0.75 -27.35
C HIS A 222 -0.85 0.35 -26.45
N ALA A 223 -0.96 -0.76 -25.72
CA ALA A 223 0.14 -1.23 -24.88
C ALA A 223 1.43 -1.35 -25.67
N ARG A 224 2.51 -0.88 -25.08
CA ARG A 224 3.82 -1.09 -25.68
C ARG A 224 4.82 -1.59 -24.64
N PRO A 225 5.85 -2.31 -25.07
CA PRO A 225 6.79 -2.87 -24.10
C PRO A 225 7.54 -1.78 -23.36
N PHE A 226 7.62 -1.94 -22.04
CA PHE A 226 8.39 -0.99 -21.24
C PHE A 226 9.86 -1.02 -21.66
N SER A 227 10.34 -2.14 -22.16
CA SER A 227 11.72 -2.22 -22.61
C SER A 227 12.05 -1.21 -23.71
N THR A 228 11.05 -0.69 -24.41
CA THR A 228 11.29 0.32 -25.44
C THR A 228 11.28 1.75 -24.90
N VAL A 229 10.98 1.98 -23.62
CA VAL A 229 10.99 3.33 -23.09
C VAL A 229 12.44 3.81 -23.00
N LYS A 230 12.72 4.95 -23.60
CA LYS A 230 14.04 5.56 -23.52
C LYS A 230 14.24 6.14 -22.12
N PRO A 231 15.40 5.95 -21.51
CA PRO A 231 15.66 6.59 -20.21
C PRO A 231 15.57 8.09 -20.33
N MET A 232 15.10 8.72 -19.25
CA MET A 232 15.05 10.18 -19.21
C MET A 232 16.42 10.78 -19.41
N TYR A 233 17.42 10.20 -18.74
CA TYR A 233 18.79 10.66 -18.83
C TYR A 233 19.68 9.47 -18.52
N GLY A 234 20.95 9.57 -18.92
CA GLY A 234 21.87 8.45 -18.79
C GLY A 234 23.11 8.86 -18.01
N THR A 235 23.90 7.85 -17.67
CA THR A 235 25.14 8.04 -16.94
C THR A 235 26.26 8.48 -17.88
N SER B 3 18.07 2.72 36.68
CA SER B 3 18.92 1.84 35.87
C SER B 3 18.11 0.77 35.15
N GLN B 4 16.79 0.90 35.14
CA GLN B 4 15.94 -0.04 34.42
C GLN B 4 15.94 0.32 32.94
N THR B 5 15.94 -0.70 32.10
CA THR B 5 16.20 -0.58 30.67
C THR B 5 15.03 -1.16 29.88
N LEU B 6 14.89 -0.70 28.65
CA LEU B 6 13.92 -1.29 27.73
C LEU B 6 14.38 -2.67 27.30
N PRO B 7 13.45 -3.57 26.99
CA PRO B 7 13.88 -4.92 26.59
C PRO B 7 14.64 -4.96 25.27
N HIS B 8 14.30 -4.11 24.29
CA HIS B 8 14.86 -4.21 22.94
C HIS B 8 15.17 -2.83 22.34
N GLY B 9 15.37 -1.84 23.20
CA GLY B 9 15.65 -0.49 22.76
C GLY B 9 14.42 0.23 22.26
N HIS B 10 14.65 1.45 21.78
CA HIS B 10 13.59 2.27 21.23
C HIS B 10 13.25 1.82 19.82
N MET B 11 11.97 1.53 19.58
CA MET B 11 11.55 1.11 18.26
C MET B 11 11.64 2.29 17.31
N GLN B 12 12.28 2.09 16.15
CA GLN B 12 12.41 3.17 15.19
C GLN B 12 11.31 3.18 14.15
N THR B 13 10.71 2.02 13.91
CA THR B 13 9.60 1.85 13.00
C THR B 13 8.48 1.09 13.68
N LEU B 14 7.26 1.58 13.54
CA LEU B 14 6.07 0.82 13.85
C LEU B 14 5.43 0.39 12.55
N ILE B 15 5.14 -0.89 12.42
CA ILE B 15 4.46 -1.40 11.25
C ILE B 15 3.07 -1.86 11.66
N PHE B 16 2.07 -1.05 11.32
CA PHE B 16 0.68 -1.40 11.60
C PHE B 16 0.26 -2.47 10.63
N LEU B 17 -0.31 -3.54 11.16
CA LEU B 17 -0.53 -4.77 10.41
C LEU B 17 -1.94 -5.26 10.68
N ASP B 18 -2.60 -5.71 9.60
CA ASP B 18 -3.86 -6.43 9.73
C ASP B 18 -3.93 -7.50 8.67
N LEU B 19 -4.66 -8.56 8.94
CA LEU B 19 -4.93 -9.50 7.89
C LEU B 19 -6.37 -9.96 7.98
N GLU B 20 -6.85 -10.45 6.85
CA GLU B 20 -8.11 -11.16 6.76
C GLU B 20 -7.81 -12.62 6.44
N ALA B 21 -8.76 -13.50 6.76
CA ALA B 21 -8.51 -14.92 6.59
C ALA B 21 -9.83 -15.63 6.33
N THR B 22 -9.73 -16.94 6.22
CA THR B 22 -10.87 -17.76 5.86
C THR B 22 -11.82 -18.04 7.02
N GLY B 23 -11.44 -17.77 8.26
CA GLY B 23 -12.31 -18.06 9.39
C GLY B 23 -11.63 -17.86 10.72
N LEU B 24 -12.30 -18.37 11.79
CA LEU B 24 -11.83 -18.21 13.15
C LEU B 24 -10.81 -19.29 13.46
N PRO B 25 -10.04 -19.13 14.54
CA PRO B 25 -8.87 -20.02 14.74
C PRO B 25 -9.15 -21.52 14.69
N SER B 26 -10.24 -22.02 15.28
CA SER B 26 -10.42 -23.46 15.30
C SER B 26 -10.65 -24.06 13.92
N SER B 27 -10.92 -23.25 12.90
CA SER B 27 -11.07 -23.73 11.54
C SER B 27 -9.73 -23.91 10.83
N ARG B 28 -8.63 -23.59 11.48
CA ARG B 28 -7.30 -23.62 10.92
C ARG B 28 -7.25 -22.75 9.68
N PRO B 29 -7.46 -21.45 9.87
CA PRO B 29 -7.72 -20.56 8.72
C PRO B 29 -6.45 -20.25 7.93
N GLU B 30 -6.67 -19.75 6.71
CA GLU B 30 -5.57 -19.29 5.86
C GLU B 30 -5.79 -17.83 5.52
N VAL B 31 -4.69 -17.10 5.38
CA VAL B 31 -4.73 -15.67 5.10
C VAL B 31 -5.25 -15.43 3.70
N THR B 32 -6.14 -14.44 3.58
CA THR B 32 -6.65 -14.00 2.29
C THR B 32 -6.28 -12.56 1.96
N GLU B 33 -5.84 -11.76 2.93
CA GLU B 33 -5.45 -10.37 2.67
C GLU B 33 -4.50 -9.95 3.76
N LEU B 34 -3.50 -9.14 3.42
CA LEU B 34 -2.50 -8.65 4.35
C LEU B 34 -2.19 -7.20 4.00
N CYS B 35 -2.12 -6.36 5.02
CA CYS B 35 -1.71 -4.98 4.86
C CYS B 35 -0.68 -4.64 5.93
N LEU B 36 0.44 -4.04 5.49
CA LEU B 36 1.46 -3.47 6.35
C LEU B 36 1.57 -1.98 6.07
N LEU B 37 1.63 -1.16 7.10
CA LEU B 37 1.78 0.30 6.99
C LEU B 37 2.91 0.69 7.93
N ALA B 38 4.08 1.04 7.39
CA ALA B 38 5.27 1.32 8.17
C ALA B 38 5.42 2.81 8.37
N VAL B 39 5.56 3.22 9.63
CA VAL B 39 5.65 4.61 10.03
C VAL B 39 6.88 4.76 10.91
N HIS B 40 7.75 5.70 10.57
CA HIS B 40 8.88 6.00 11.42
C HIS B 40 8.44 6.65 12.73
N ARG B 41 9.22 6.39 13.77
CA ARG B 41 8.94 6.96 15.08
C ARG B 41 8.77 8.47 14.99
N ARG B 42 9.62 9.11 14.20
CA ARG B 42 9.59 10.57 14.14
C ARG B 42 8.30 11.06 13.51
N ALA B 43 7.76 10.33 12.53
CA ALA B 43 6.50 10.71 11.89
C ALA B 43 5.34 10.59 12.87
N LEU B 44 5.34 9.55 13.71
CA LEU B 44 4.30 9.44 14.74
C LEU B 44 4.42 10.57 15.74
N GLU B 45 5.63 10.80 16.26
CA GLU B 45 5.84 11.86 17.23
C GLU B 45 5.51 13.24 16.66
N ASN B 46 5.56 13.38 15.34
CA ASN B 46 5.24 14.65 14.69
C ASN B 46 3.75 14.95 14.66
N THR B 47 2.90 13.97 14.97
CA THR B 47 1.46 14.16 14.88
C THR B 47 1.02 15.32 15.76
N SER B 48 0.21 16.22 15.20
CA SER B 48 -0.34 17.31 15.99
C SER B 48 -0.99 16.78 17.26
N ILE B 49 -0.79 17.50 18.37
CA ILE B 49 -1.33 17.05 19.66
C ILE B 49 -2.84 17.04 19.61
N SER B 50 -3.44 15.96 20.11
CA SER B 50 -4.90 15.87 20.18
C SER B 50 -5.40 16.93 21.16
N GLN B 51 -6.24 17.83 20.67
CA GLN B 51 -6.84 18.89 21.48
C GLN B 51 -8.35 18.86 21.29
N GLY B 52 -9.08 19.06 22.37
CA GLY B 52 -10.51 19.18 22.30
C GLY B 52 -11.23 17.86 22.44
N HIS B 53 -12.55 17.94 22.46
CA HIS B 53 -13.41 16.81 22.74
C HIS B 53 -14.62 16.85 21.82
N PRO B 54 -14.63 16.06 20.73
CA PRO B 54 -13.55 15.13 20.36
C PRO B 54 -12.43 15.82 19.62
N PRO B 55 -11.22 15.26 19.71
CA PRO B 55 -10.16 15.71 18.83
C PRO B 55 -10.49 15.33 17.40
N PRO B 56 -9.97 16.06 16.42
CA PRO B 56 -10.12 15.62 15.03
C PRO B 56 -9.36 14.31 14.80
N VAL B 57 -9.83 13.55 13.83
CA VAL B 57 -9.14 12.30 13.46
C VAL B 57 -7.76 12.71 12.95
N PRO B 58 -6.67 12.21 13.51
CA PRO B 58 -5.33 12.65 13.07
C PRO B 58 -5.11 12.44 11.58
N ARG B 59 -4.35 13.35 10.99
CA ARG B 59 -3.92 13.18 9.61
C ARG B 59 -2.81 12.14 9.58
N PRO B 60 -2.89 11.16 8.68
CA PRO B 60 -1.77 10.22 8.55
C PRO B 60 -0.52 10.95 8.18
N PRO B 61 0.64 10.49 8.65
CA PRO B 61 1.89 11.17 8.30
C PRO B 61 2.09 11.19 6.79
N ARG B 62 2.81 12.20 6.30
CA ARG B 62 3.11 12.30 4.87
C ARG B 62 4.02 11.17 4.42
N VAL B 63 4.99 10.79 5.25
CA VAL B 63 5.97 9.78 4.89
C VAL B 63 5.52 8.48 5.51
N VAL B 64 5.05 7.57 4.66
CA VAL B 64 4.71 6.22 5.09
C VAL B 64 5.04 5.28 3.97
N ASP B 65 5.27 4.01 4.31
CA ASP B 65 5.37 2.93 3.34
C ASP B 65 4.16 2.02 3.54
N LYS B 66 3.53 1.59 2.45
CA LYS B 66 2.35 0.73 2.51
C LYS B 66 2.45 -0.45 1.57
N LEU B 67 2.02 -1.63 2.04
CA LEU B 67 1.90 -2.84 1.23
C LEU B 67 0.55 -3.45 1.55
N SER B 68 -0.28 -3.67 0.53
CA SER B 68 -1.54 -4.37 0.72
C SER B 68 -1.67 -5.43 -0.37
N LEU B 69 -1.90 -6.69 0.03
CA LEU B 69 -1.95 -7.79 -0.94
C LEU B 69 -3.14 -8.69 -0.67
N CYS B 70 -3.76 -9.21 -1.72
CA CYS B 70 -4.76 -10.26 -1.64
C CYS B 70 -4.12 -11.59 -1.96
N ILE B 71 -4.54 -12.64 -1.26
CA ILE B 71 -3.85 -13.92 -1.27
C ILE B 71 -4.89 -15.03 -1.49
N ALA B 72 -4.66 -15.90 -2.46
CA ALA B 72 -5.56 -17.05 -2.64
C ALA B 72 -5.35 -18.08 -1.53
N PRO B 73 -6.38 -18.42 -0.77
CA PRO B 73 -6.26 -19.47 0.24
C PRO B 73 -6.44 -20.84 -0.40
N GLY B 74 -5.96 -21.87 0.29
CA GLY B 74 -6.16 -23.22 -0.19
C GLY B 74 -7.47 -23.86 0.22
N LYS B 75 -8.18 -23.23 1.14
CA LYS B 75 -9.49 -23.69 1.58
C LYS B 75 -10.48 -22.55 1.45
N ALA B 76 -11.77 -22.89 1.42
CA ALA B 76 -12.83 -21.89 1.27
C ALA B 76 -12.94 -21.00 2.51
N CYS B 77 -13.40 -19.77 2.28
CA CYS B 77 -13.81 -18.92 3.39
C CYS B 77 -15.13 -19.41 3.96
N SER B 78 -15.29 -19.33 5.27
CA SER B 78 -16.58 -19.58 5.89
C SER B 78 -17.59 -18.58 5.33
N PRO B 79 -18.88 -18.92 5.32
CA PRO B 79 -19.87 -17.94 4.86
C PRO B 79 -19.79 -16.64 5.63
N GLY B 80 -19.58 -16.71 6.95
CA GLY B 80 -19.44 -15.51 7.74
C GLY B 80 -18.17 -14.73 7.44
N ALA B 81 -17.08 -15.43 7.17
CA ALA B 81 -15.86 -14.71 6.79
C ALA B 81 -16.04 -14.01 5.45
N SER B 82 -16.65 -14.66 4.47
CA SER B 82 -16.79 -13.99 3.17
C SER B 82 -17.75 -12.81 3.27
N GLU B 83 -18.81 -12.92 4.07
CA GLU B 83 -19.73 -11.81 4.21
C GLU B 83 -19.03 -10.61 4.84
N ILE B 84 -18.26 -10.83 5.90
CA ILE B 84 -17.66 -9.72 6.63
C ILE B 84 -16.51 -9.11 5.85
N THR B 85 -15.71 -9.92 5.18
CA THR B 85 -14.50 -9.43 4.54
C THR B 85 -14.69 -9.05 3.09
N GLY B 86 -15.73 -9.55 2.44
CA GLY B 86 -15.92 -9.26 1.03
C GLY B 86 -15.02 -10.04 0.10
N LEU B 87 -14.33 -11.06 0.62
CA LEU B 87 -13.43 -11.91 -0.14
C LEU B 87 -13.95 -13.34 -0.15
N SER B 88 -13.67 -14.06 -1.24
CA SER B 88 -13.95 -15.48 -1.33
C SER B 88 -12.84 -16.15 -2.10
N LYS B 89 -12.62 -17.42 -1.79
CA LYS B 89 -11.61 -18.20 -2.52
C LYS B 89 -11.89 -18.15 -4.02
N ALA B 90 -13.15 -18.33 -4.42
CA ALA B 90 -13.48 -18.38 -5.84
C ALA B 90 -13.10 -17.08 -6.53
N GLU B 91 -13.41 -15.93 -5.91
CA GLU B 91 -13.12 -14.65 -6.55
C GLU B 91 -11.63 -14.38 -6.57
N LEU B 92 -10.92 -14.75 -5.51
CA LEU B 92 -9.47 -14.53 -5.52
C LEU B 92 -8.81 -15.34 -6.62
N GLU B 93 -9.31 -16.57 -6.86
CA GLU B 93 -8.77 -17.41 -7.94
C GLU B 93 -9.14 -16.86 -9.32
N VAL B 94 -10.38 -16.41 -9.51
CA VAL B 94 -10.81 -15.80 -10.76
C VAL B 94 -9.88 -14.66 -11.15
N GLN B 95 -9.37 -13.95 -10.16
CA GLN B 95 -8.51 -12.80 -10.38
C GLN B 95 -7.04 -13.14 -10.26
N GLY B 96 -6.73 -14.43 -10.31
CA GLY B 96 -5.37 -14.90 -10.47
C GLY B 96 -4.48 -14.64 -9.28
N ARG B 97 -5.04 -14.54 -8.09
CA ARG B 97 -4.18 -14.31 -6.95
C ARG B 97 -3.38 -15.57 -6.64
N GLN B 98 -2.14 -15.35 -6.22
CA GLN B 98 -1.24 -16.42 -5.85
C GLN B 98 -1.40 -16.77 -4.38
N ARG B 99 -0.98 -17.97 -4.04
CA ARG B 99 -1.01 -18.45 -2.67
C ARG B 99 0.09 -17.79 -1.82
N PHE B 100 0.04 -18.06 -0.52
CA PHE B 100 1.09 -17.64 0.41
C PHE B 100 2.31 -18.51 0.16
N ASP B 101 3.34 -17.96 -0.48
CA ASP B 101 4.44 -18.78 -0.97
C ASP B 101 5.79 -18.09 -0.71
N ASP B 102 6.87 -18.75 -1.15
CA ASP B 102 8.20 -18.23 -0.90
C ASP B 102 8.38 -16.83 -1.47
N ASN B 103 7.85 -16.58 -2.67
CA ASN B 103 7.99 -15.25 -3.26
C ASN B 103 7.34 -14.19 -2.39
N LEU B 104 6.19 -14.51 -1.77
CA LEU B 104 5.58 -13.58 -0.85
C LEU B 104 6.49 -13.29 0.34
N ALA B 105 7.18 -14.32 0.87
CA ALA B 105 8.12 -14.06 1.97
C ALA B 105 9.26 -13.15 1.53
N ILE B 106 9.78 -13.35 0.32
CA ILE B 106 10.82 -12.48 -0.23
C ILE B 106 10.32 -11.05 -0.37
N LEU B 107 9.09 -10.88 -0.84
CA LEU B 107 8.46 -9.57 -0.91
C LEU B 107 8.40 -8.91 0.46
N LEU B 108 7.86 -9.62 1.45
CA LEU B 108 7.75 -9.08 2.79
C LEU B 108 9.11 -8.70 3.34
N ARG B 109 10.10 -9.59 3.18
CA ARG B 109 11.44 -9.28 3.66
C ARG B 109 11.99 -7.97 3.08
N ALA B 110 11.86 -7.78 1.77
CA ALA B 110 12.42 -6.60 1.14
C ALA B 110 11.69 -5.35 1.60
N PHE B 111 10.36 -5.45 1.83
CA PHE B 111 9.61 -4.35 2.41
C PHE B 111 10.13 -4.03 3.80
N LEU B 112 10.28 -5.04 4.65
CA LEU B 112 10.77 -4.83 6.00
C LEU B 112 12.18 -4.25 6.00
N GLN B 113 13.04 -4.66 5.06
CA GLN B 113 14.41 -4.19 5.01
C GLN B 113 14.53 -2.72 4.67
N ARG B 114 13.50 -2.10 4.10
CA ARG B 114 13.49 -0.66 3.90
C ARG B 114 13.21 0.14 5.15
N GLN B 115 12.87 -0.51 6.25
CA GLN B 115 12.47 0.19 7.46
C GLN B 115 13.61 0.23 8.48
N PRO B 116 13.90 1.38 9.06
CA PRO B 116 14.93 1.41 10.11
C PRO B 116 14.57 0.52 11.30
N GLN B 117 15.58 -0.14 11.88
CA GLN B 117 15.44 -1.03 13.00
C GLN B 117 15.85 -0.33 14.29
N PRO B 118 15.35 -0.80 15.45
CA PRO B 118 14.38 -1.88 15.64
C PRO B 118 13.00 -1.52 15.09
N CYS B 119 12.34 -2.53 14.56
CA CYS B 119 11.00 -2.39 14.00
C CYS B 119 10.02 -3.27 14.75
N CYS B 120 8.81 -2.74 15.00
CA CYS B 120 7.78 -3.45 15.75
C CYS B 120 6.47 -3.51 14.99
N LEU B 121 5.97 -4.73 14.76
CA LEU B 121 4.62 -4.91 14.25
C LEU B 121 3.60 -4.52 15.33
N VAL B 122 2.52 -3.88 14.90
CA VAL B 122 1.45 -3.50 15.81
C VAL B 122 0.15 -3.99 15.19
N ALA B 123 -0.55 -4.91 15.87
CA ALA B 123 -1.79 -5.44 15.34
C ALA B 123 -2.81 -5.60 16.43
N HIS B 124 -4.07 -5.26 16.10
CA HIS B 124 -5.17 -5.35 17.03
C HIS B 124 -5.63 -6.78 17.15
N ASN B 125 -5.55 -7.33 18.35
CA ASN B 125 -5.70 -8.77 18.61
C ASN B 125 -4.57 -9.57 17.97
N GLY B 126 -3.44 -8.94 17.68
CA GLY B 126 -2.31 -9.66 17.09
C GLY B 126 -1.83 -10.85 17.89
N ASP B 127 -1.86 -10.75 19.23
CA ASP B 127 -1.30 -11.82 20.03
C ASP B 127 -2.11 -13.10 19.95
N ARG B 128 -3.41 -13.01 19.72
CA ARG B 128 -4.29 -14.17 19.64
C ARG B 128 -4.61 -14.60 18.21
N TYR B 129 -4.45 -13.70 17.24
CA TYR B 129 -4.89 -14.02 15.90
C TYR B 129 -3.81 -13.68 14.87
N ASP B 130 -3.54 -12.41 14.57
CA ASP B 130 -2.72 -12.08 13.41
C ASP B 130 -1.32 -12.66 13.52
N PHE B 131 -0.67 -12.53 14.67
CA PHE B 131 0.72 -12.98 14.75
C PHE B 131 0.80 -14.51 14.71
N PRO B 132 0.01 -15.26 15.49
CA PRO B 132 0.11 -16.74 15.37
C PRO B 132 -0.22 -17.25 13.98
N LEU B 133 -1.20 -16.64 13.34
CA LEU B 133 -1.57 -17.07 11.99
C LEU B 133 -0.44 -16.78 11.01
N LEU B 134 0.18 -15.60 11.08
N LEU B 134 0.17 -15.59 11.08
CA LEU B 134 1.30 -15.31 10.21
CA LEU B 134 1.30 -15.32 10.21
C LEU B 134 2.47 -16.25 10.47
C LEU B 134 2.44 -16.29 10.47
N GLN B 135 2.70 -16.60 11.75
CA GLN B 135 3.76 -17.56 12.05
C GLN B 135 3.48 -18.90 11.41
N THR B 136 2.24 -19.35 11.46
CA THR B 136 1.85 -20.61 10.81
C THR B 136 2.08 -20.55 9.30
N GLU B 137 1.65 -19.46 8.66
CA GLU B 137 1.81 -19.37 7.22
C GLU B 137 3.28 -19.38 6.84
N LEU B 138 4.10 -18.64 7.60
CA LEU B 138 5.52 -18.55 7.29
C LEU B 138 6.21 -19.89 7.53
N ALA B 139 5.68 -20.70 8.45
CA ALA B 139 6.31 -21.96 8.80
C ALA B 139 6.19 -23.01 7.71
N ARG B 140 5.21 -22.87 6.82
CA ARG B 140 5.05 -23.74 5.66
C ARG B 140 6.10 -23.51 4.59
N LEU B 141 6.81 -22.38 4.62
CA LEU B 141 7.66 -21.96 3.51
C LEU B 141 9.08 -22.53 3.67
N SER B 142 9.86 -22.44 2.58
CA SER B 142 11.25 -22.89 2.59
C SER B 142 12.24 -21.76 2.91
N THR B 143 11.79 -20.52 2.94
CA THR B 143 12.67 -19.43 3.32
C THR B 143 12.83 -19.37 4.83
N PRO B 144 13.87 -18.69 5.33
CA PRO B 144 13.85 -18.29 6.74
C PRO B 144 12.62 -17.41 6.95
N SER B 145 12.28 -17.20 8.19
CA SER B 145 11.20 -16.26 8.46
C SER B 145 11.64 -14.84 8.11
N PRO B 146 10.87 -14.10 7.30
CA PRO B 146 11.24 -12.72 7.00
C PRO B 146 11.13 -11.82 8.23
N LEU B 147 10.45 -12.30 9.27
CA LEU B 147 10.20 -11.54 10.47
C LEU B 147 11.17 -11.89 11.60
N ASP B 148 12.17 -12.73 11.33
CA ASP B 148 13.25 -12.86 12.29
C ASP B 148 13.92 -11.50 12.41
N GLY B 149 14.05 -11.05 13.64
CA GLY B 149 14.63 -9.76 13.91
C GLY B 149 13.61 -8.68 14.13
N THR B 150 12.36 -8.94 13.79
CA THR B 150 11.30 -7.95 13.97
C THR B 150 10.55 -8.24 15.27
N PHE B 151 10.12 -7.20 15.96
CA PHE B 151 9.36 -7.32 17.20
C PHE B 151 7.87 -7.14 16.93
N CYS B 152 7.07 -7.36 17.96
CA CYS B 152 5.62 -7.22 17.80
C CYS B 152 4.96 -6.89 19.12
N VAL B 153 3.79 -6.28 19.02
CA VAL B 153 2.93 -5.98 20.16
C VAL B 153 1.47 -5.98 19.72
N ASP B 154 0.57 -6.16 20.68
CA ASP B 154 -0.88 -6.14 20.44
C ASP B 154 -1.42 -4.78 20.89
N SER B 155 -2.12 -4.08 19.99
CA SER B 155 -2.64 -2.76 20.32
C SER B 155 -3.87 -2.78 21.24
N ILE B 156 -4.52 -3.93 21.48
CA ILE B 156 -5.58 -3.95 22.49
C ILE B 156 -5.01 -3.61 23.87
N ALA B 157 -3.95 -4.31 24.26
CA ALA B 157 -3.30 -4.00 25.52
C ALA B 157 -2.82 -2.56 25.57
N ALA B 158 -2.29 -2.05 24.44
CA ALA B 158 -1.80 -0.67 24.44
C ALA B 158 -2.93 0.33 24.72
N LEU B 159 -4.05 0.19 24.01
CA LEU B 159 -5.10 1.19 24.14
C LEU B 159 -5.83 1.03 25.48
N LYS B 160 -5.91 -0.19 26.00
CA LYS B 160 -6.33 -0.39 27.39
C LYS B 160 -5.46 0.43 28.33
N ALA B 161 -4.13 0.42 28.12
CA ALA B 161 -3.26 1.19 28.99
C ALA B 161 -3.51 2.69 28.82
N LEU B 162 -3.58 3.16 27.57
CA LEU B 162 -3.65 4.60 27.34
C LEU B 162 -4.98 5.16 27.78
N GLU B 163 -6.07 4.41 27.57
CA GLU B 163 -7.38 4.92 27.99
C GLU B 163 -7.52 4.90 29.50
N GLN B 164 -6.93 3.92 30.17
CA GLN B 164 -6.91 3.92 31.63
C GLN B 164 -6.23 5.16 32.17
N ALA B 165 -5.18 5.62 31.50
CA ALA B 165 -4.42 6.78 31.96
C ALA B 165 -5.24 8.05 31.86
N SER B 166 -6.10 8.16 30.84
CA SER B 166 -6.96 9.32 30.67
C SER B 166 -8.37 9.10 31.22
N SER B 167 -8.60 7.98 31.91
CA SER B 167 -9.90 7.67 32.49
C SER B 167 -10.49 8.86 33.27
N LYS B 175 -15.95 -1.53 29.02
CA LYS B 175 -15.73 -0.95 27.70
C LYS B 175 -15.27 -1.99 26.69
N SER B 176 -15.85 -1.95 25.49
CA SER B 176 -15.37 -2.76 24.40
C SER B 176 -14.04 -2.22 23.88
N TYR B 177 -13.09 -3.11 23.64
CA TYR B 177 -11.84 -2.71 23.03
C TYR B 177 -11.73 -3.24 21.61
N SER B 178 -12.86 -3.46 20.95
CA SER B 178 -12.87 -3.70 19.52
C SER B 178 -12.29 -2.47 18.81
N LEU B 179 -11.73 -2.70 17.63
CA LEU B 179 -11.14 -1.60 16.88
C LEU B 179 -12.14 -0.46 16.69
N GLY B 180 -13.35 -0.78 16.25
CA GLY B 180 -14.34 0.24 15.99
C GLY B 180 -14.82 0.94 17.24
N SER B 181 -14.94 0.21 18.34
CA SER B 181 -15.40 0.82 19.58
C SER B 181 -14.42 1.85 20.07
N ILE B 182 -13.14 1.54 19.99
CA ILE B 182 -12.11 2.48 20.42
C ILE B 182 -12.14 3.72 19.55
N TYR B 183 -12.16 3.54 18.23
CA TYR B 183 -12.13 4.68 17.31
C TYR B 183 -13.29 5.61 17.56
N THR B 184 -14.48 5.05 17.76
CA THR B 184 -15.66 5.87 17.96
C THR B 184 -15.61 6.58 19.31
N ARG B 185 -15.08 5.92 20.34
CA ARG B 185 -14.90 6.57 21.64
C ARG B 185 -13.96 7.77 21.54
N LEU B 186 -12.87 7.61 20.78
CA LEU B 186 -11.87 8.67 20.69
C LEU B 186 -12.34 9.83 19.81
N TYR B 187 -12.98 9.53 18.67
CA TYR B 187 -13.22 10.51 17.61
C TYR B 187 -14.70 10.79 17.36
N TRP B 188 -15.61 10.01 17.96
CA TRP B 188 -17.05 10.25 17.93
C TRP B 188 -17.63 10.07 16.54
N GLN B 189 -17.03 9.23 15.73
CA GLN B 189 -17.67 8.81 14.48
C GLN B 189 -17.16 7.43 14.15
N ALA B 190 -17.81 6.82 13.16
CA ALA B 190 -17.55 5.44 12.79
C ALA B 190 -16.34 5.35 11.87
N PRO B 191 -15.54 4.30 12.01
CA PRO B 191 -14.49 4.03 11.02
C PRO B 191 -15.08 3.67 9.67
N THR B 192 -14.22 3.74 8.66
CA THR B 192 -14.55 3.36 7.29
C THR B 192 -13.81 2.10 6.90
N ASP B 193 -14.41 1.33 5.99
CA ASP B 193 -13.76 0.17 5.37
C ASP B 193 -13.40 -0.88 6.41
N SER B 194 -14.30 -1.09 7.37
CA SER B 194 -14.14 -2.11 8.38
C SER B 194 -13.98 -3.49 7.74
N HIS B 195 -13.18 -4.33 8.42
CA HIS B 195 -13.00 -5.73 8.05
C HIS B 195 -12.40 -5.89 6.66
N THR B 196 -11.62 -4.90 6.23
CA THR B 196 -10.68 -5.01 5.12
C THR B 196 -9.31 -4.73 5.68
N ALA B 197 -8.27 -5.34 5.13
CA ALA B 197 -6.97 -5.26 5.78
C ALA B 197 -6.45 -3.82 5.76
N GLU B 198 -6.53 -3.16 4.62
CA GLU B 198 -6.04 -1.79 4.62
C GLU B 198 -6.95 -0.86 5.39
N GLY B 199 -8.26 -1.01 5.29
CA GLY B 199 -9.13 -0.12 6.03
C GLY B 199 -8.92 -0.21 7.53
N ASP B 200 -8.74 -1.42 8.03
CA ASP B 200 -8.54 -1.58 9.47
C ASP B 200 -7.13 -1.15 9.90
N VAL B 201 -6.12 -1.27 9.03
CA VAL B 201 -4.79 -0.71 9.33
C VAL B 201 -4.87 0.81 9.48
N LEU B 202 -5.58 1.48 8.57
CA LEU B 202 -5.69 2.93 8.65
C LEU B 202 -6.47 3.37 9.89
N THR B 203 -7.52 2.62 10.28
CA THR B 203 -8.22 2.90 11.52
C THR B 203 -7.29 2.73 12.73
N LEU B 204 -6.49 1.67 12.73
CA LEU B 204 -5.55 1.45 13.83
C LEU B 204 -4.51 2.58 13.88
N LEU B 205 -3.96 2.99 12.74
CA LEU B 205 -3.04 4.13 12.73
C LEU B 205 -3.68 5.35 13.38
N SER B 206 -4.93 5.64 13.04
CA SER B 206 -5.59 6.79 13.64
C SER B 206 -5.68 6.68 15.16
N ILE B 207 -6.04 5.50 15.66
CA ILE B 207 -6.12 5.32 17.11
C ILE B 207 -4.75 5.49 17.74
N CYS B 208 -3.70 5.00 17.06
CA CYS B 208 -2.39 5.07 17.67
C CYS B 208 -1.78 6.46 17.57
N GLN B 209 -2.30 7.31 16.69
CA GLN B 209 -1.93 8.72 16.63
C GLN B 209 -2.63 9.60 17.66
N TRP B 210 -3.60 9.06 18.43
CA TRP B 210 -4.28 9.83 19.47
C TRP B 210 -3.27 10.39 20.48
N LYS B 211 -2.42 9.53 21.03
CA LYS B 211 -1.46 9.91 22.07
C LYS B 211 -0.14 9.25 21.67
N PRO B 212 0.56 9.81 20.68
CA PRO B 212 1.69 9.08 20.09
C PRO B 212 2.83 8.85 21.06
N GLN B 213 3.14 9.83 21.92
CA GLN B 213 4.29 9.64 22.81
C GLN B 213 4.00 8.53 23.80
N ALA B 214 2.80 8.51 24.36
CA ALA B 214 2.43 7.48 25.32
C ALA B 214 2.37 6.13 24.63
N LEU B 215 1.87 6.09 23.41
CA LEU B 215 1.83 4.84 22.69
C LEU B 215 3.25 4.30 22.45
N LEU B 216 4.16 5.17 21.98
CA LEU B 216 5.54 4.74 21.73
C LEU B 216 6.20 4.24 22.99
N GLN B 217 5.96 4.88 24.14
CA GLN B 217 6.55 4.40 25.38
C GLN B 217 6.01 3.02 25.73
N TRP B 218 4.69 2.84 25.61
CA TRP B 218 4.11 1.52 25.88
C TRP B 218 4.68 0.47 24.94
N VAL B 219 4.78 0.79 23.65
CA VAL B 219 5.28 -0.18 22.67
C VAL B 219 6.72 -0.54 22.99
N ASP B 220 7.56 0.47 23.27
CA ASP B 220 8.95 0.17 23.61
C ASP B 220 9.02 -0.79 24.78
N GLU B 221 8.17 -0.61 25.78
CA GLU B 221 8.28 -1.44 26.96
C GLU B 221 7.72 -2.84 26.78
N HIS B 222 6.82 -3.03 25.82
CA HIS B 222 6.12 -4.30 25.67
C HIS B 222 6.49 -5.08 24.44
N ALA B 223 7.32 -4.54 23.56
CA ALA B 223 7.71 -5.25 22.33
C ALA B 223 8.39 -6.58 22.67
N ARG B 224 8.06 -7.61 21.92
CA ARG B 224 8.70 -8.91 22.05
C ARG B 224 9.09 -9.44 20.68
N PRO B 225 10.05 -10.36 20.60
CA PRO B 225 10.46 -10.83 19.27
C PRO B 225 9.35 -11.62 18.60
N PHE B 226 9.14 -11.35 17.32
CA PHE B 226 8.15 -12.14 16.58
C PHE B 226 8.52 -13.62 16.56
N SER B 227 9.81 -13.94 16.63
CA SER B 227 10.21 -15.32 16.64
C SER B 227 9.66 -16.09 17.85
N THR B 228 9.27 -15.40 18.92
CA THR B 228 8.71 -16.06 20.10
C THR B 228 7.20 -16.31 20.01
N VAL B 229 6.54 -15.86 18.95
CA VAL B 229 5.11 -16.08 18.80
C VAL B 229 4.88 -17.54 18.44
N LYS B 230 4.02 -18.20 19.19
CA LYS B 230 3.72 -19.58 18.89
C LYS B 230 2.76 -19.65 17.71
N PRO B 231 2.97 -20.59 16.79
CA PRO B 231 2.03 -20.73 15.66
C PRO B 231 0.62 -21.04 16.14
N MET B 232 -0.35 -20.52 15.38
CA MET B 232 -1.75 -20.80 15.68
C MET B 232 -2.04 -22.30 15.60
N TYR B 233 -1.54 -22.96 14.55
CA TYR B 233 -1.71 -24.39 14.41
C TYR B 233 -0.51 -24.93 13.65
N GLY B 234 -0.36 -26.24 13.69
CA GLY B 234 0.82 -26.89 13.19
C GLY B 234 0.64 -27.41 11.78
N THR B 235 1.77 -27.70 11.13
CA THR B 235 1.77 -28.06 9.72
C THR B 235 2.64 -29.28 9.44
#